data_2VWZ
#
_entry.id   2VWZ
#
_cell.length_a   45.810
_cell.length_b   53.567
_cell.length_c   61.373
_cell.angle_alpha   90.00
_cell.angle_beta   110.64
_cell.angle_gamma   90.00
#
_symmetry.space_group_name_H-M   'P 1 21 1'
#
loop_
_entity.id
_entity.type
_entity.pdbx_description
1 polymer 'EPHRIN TYPE-B RECEPTOR 4'
2 non-polymer N-[3-[[4-[(5-CHLORO-1,3-BENZODIOXOL-4-YL)AMINO]PYRIMIDIN-2-YL]AMINO]PHENYL]METHANESULFONAMIDE
3 non-polymer 'MAGNESIUM ION'
4 water water
#
_entity_poly.entity_id   1
_entity_poly.type   'polypeptide(L)'
_entity_poly.pdbx_seq_one_letter_code
;DPNEAVREFAKEIDVSYVKIEEVIGAGEFGEVCRGRLKAPGKKESCVAIKTLKGGYTERQRREFLSEASIMGQFEHPNII
RLEGVVTNSMPVMILTEFMENGALDSFLRLNDGQFTVIQLVGMLRGIASGMRYLAEMSYVHRDLAARNILVNSNLVCKVS
DFGLSRFLEENSSDPTETSSLGGKIPIRWTAPEAIAFRKFTSASDAWSYGIVMWEVMSFGERPYWDMSNQDVINAIEQDY
RLPPPPDCPTSLHQLMLDCWQKDRNARPRFPQVVSALDKMIRNPASLKIVARENGGASHPLL
;
_entity_poly.pdbx_strand_id   A
#
# COMPACT_ATOMS: atom_id res chain seq x y z
N LYS A 11 2.21 -11.32 -19.28
CA LYS A 11 2.11 -10.92 -20.71
C LYS A 11 3.35 -10.23 -21.18
N GLU A 12 4.00 -10.82 -22.19
CA GLU A 12 5.21 -10.27 -22.74
C GLU A 12 4.81 -9.17 -23.72
N ILE A 13 5.36 -8.00 -23.47
CA ILE A 13 5.12 -6.83 -24.29
C ILE A 13 6.32 -6.58 -25.19
N ASP A 14 6.04 -6.58 -26.50
CA ASP A 14 7.00 -6.17 -27.51
C ASP A 14 7.52 -4.80 -27.14
N VAL A 15 8.84 -4.68 -27.03
CA VAL A 15 9.42 -3.40 -26.62
C VAL A 15 9.11 -2.23 -27.57
N SER A 16 8.78 -2.52 -28.84
CA SER A 16 8.38 -1.45 -29.76
C SER A 16 7.02 -0.81 -29.41
N TYR A 17 6.29 -1.41 -28.46
CA TYR A 17 4.99 -0.90 -28.07
C TYR A 17 5.08 0.11 -26.93
N VAL A 18 6.30 0.24 -26.37
CA VAL A 18 6.57 1.05 -25.17
C VAL A 18 7.40 2.27 -25.51
N LYS A 19 6.97 3.44 -25.04
CA LYS A 19 7.81 4.65 -25.05
C LYS A 19 7.97 5.17 -23.63
N ILE A 20 9.21 5.31 -23.18
CA ILE A 20 9.52 5.86 -21.85
C ILE A 20 9.63 7.38 -21.98
N GLU A 21 8.91 8.12 -21.13
CA GLU A 21 8.74 9.57 -21.28
C GLU A 21 9.53 10.37 -20.26
N GLU A 22 9.54 9.93 -19.01
CA GLU A 22 10.23 10.66 -17.96
C GLU A 22 10.48 9.75 -16.76
N VAL A 23 11.59 9.95 -16.07
CA VAL A 23 11.87 9.22 -14.82
C VAL A 23 11.16 9.98 -13.70
N ILE A 24 10.35 9.26 -12.93
CA ILE A 24 9.49 9.88 -11.92
C ILE A 24 9.77 9.39 -10.48
N GLY A 25 10.63 8.41 -10.36
CA GLY A 25 10.91 7.82 -9.08
C GLY A 25 12.05 6.83 -9.18
N ALA A 26 12.37 6.24 -8.01
CA ALA A 26 13.40 5.18 -7.91
C ALA A 26 12.83 4.05 -7.09
N GLY A 27 13.01 2.82 -7.55
CA GLY A 27 12.64 1.65 -6.78
C GLY A 27 13.86 0.89 -6.28
N GLU A 28 13.60 -0.24 -5.63
CA GLU A 28 14.61 -1.09 -5.05
C GLU A 28 15.69 -1.48 -6.06
N PHE A 29 15.27 -1.71 -7.31
CA PHE A 29 16.19 -2.29 -8.29
C PHE A 29 16.45 -1.40 -9.45
N GLY A 30 15.91 -0.19 -9.43
CA GLY A 30 16.12 0.73 -10.55
C GLY A 30 15.10 1.86 -10.56
N GLU A 31 14.90 2.42 -11.75
CA GLU A 31 14.10 3.61 -11.96
C GLU A 31 12.61 3.24 -12.06
N VAL A 32 11.77 4.21 -11.76
CA VAL A 32 10.35 4.18 -12.10
C VAL A 32 10.15 5.33 -13.06
N CYS A 33 9.47 5.05 -14.17
CA CYS A 33 9.28 6.00 -15.29
C CYS A 33 7.81 6.08 -15.66
N ARG A 34 7.43 7.22 -16.22
CA ARG A 34 6.13 7.37 -16.88
C ARG A 34 6.35 7.12 -18.34
N GLY A 35 5.38 6.51 -18.98
CA GLY A 35 5.51 6.17 -20.39
C GLY A 35 4.16 5.91 -21.02
N ARG A 36 4.22 5.41 -22.25
CA ARG A 36 3.06 5.14 -23.10
C ARG A 36 3.19 3.76 -23.68
N LEU A 37 2.09 3.02 -23.69
CA LEU A 37 2.01 1.68 -24.23
C LEU A 37 0.97 1.73 -25.34
N LYS A 38 1.34 1.28 -26.54
CA LYS A 38 0.41 1.23 -27.67
C LYS A 38 0.62 -0.12 -28.33
N ALA A 39 -0.42 -0.95 -28.27
CA ALA A 39 -0.39 -2.29 -28.83
C ALA A 39 -1.42 -2.38 -29.96
N PRO A 40 -1.14 -3.23 -30.97
CA PRO A 40 -2.06 -3.39 -32.09
C PRO A 40 -3.47 -3.67 -31.63
N GLY A 41 -4.42 -2.85 -32.10
CA GLY A 41 -5.83 -3.06 -31.84
C GLY A 41 -6.37 -2.34 -30.62
N LYS A 42 -5.47 -1.76 -29.82
CA LYS A 42 -5.83 -1.04 -28.59
C LYS A 42 -5.39 0.41 -28.66
N LYS A 43 -6.13 1.27 -27.97
CA LYS A 43 -5.79 2.68 -27.88
C LYS A 43 -4.55 2.81 -27.01
N GLU A 44 -3.80 3.88 -27.21
CA GLU A 44 -2.62 4.16 -26.41
C GLU A 44 -3.04 4.47 -24.99
N SER A 45 -2.23 4.01 -24.03
CA SER A 45 -2.51 4.27 -22.63
C SER A 45 -1.22 4.71 -21.93
N CYS A 46 -1.42 5.41 -20.85
CA CYS A 46 -0.31 5.83 -19.98
CA CYS A 46 -0.33 5.82 -19.99
C CYS A 46 0.04 4.66 -19.08
N VAL A 47 1.33 4.44 -18.86
CA VAL A 47 1.79 3.39 -17.96
C VAL A 47 2.93 3.89 -17.08
N ALA A 48 3.09 3.23 -15.94
CA ALA A 48 4.30 3.36 -15.15
C ALA A 48 5.17 2.20 -15.55
N ILE A 49 6.46 2.45 -15.52
CA ILE A 49 7.44 1.48 -15.99
C ILE A 49 8.58 1.35 -14.99
N LYS A 50 8.81 0.16 -14.44
CA LYS A 50 9.96 -0.11 -13.58
C LYS A 50 10.99 -0.77 -14.46
N THR A 51 12.24 -0.30 -14.39
CA THR A 51 13.33 -0.90 -15.21
C THR A 51 14.37 -1.55 -14.30
N LEU A 52 14.98 -2.63 -14.81
CA LEU A 52 16.10 -3.31 -14.18
C LEU A 52 17.23 -3.37 -15.22
N LYS A 53 18.30 -2.63 -15.00
CA LYS A 53 19.39 -2.55 -15.98
C LYS A 53 20.46 -3.58 -15.65
N GLY A 54 21.60 -3.54 -16.33
CA GLY A 54 22.70 -4.49 -16.07
C GLY A 54 23.22 -4.50 -14.63
N GLY A 55 23.94 -5.57 -14.28
CA GLY A 55 24.63 -5.64 -12.98
C GLY A 55 23.97 -6.54 -11.96
N TYR A 56 22.74 -6.97 -12.24
CA TYR A 56 21.94 -7.78 -11.30
C TYR A 56 22.25 -9.27 -11.39
N THR A 57 22.08 -9.96 -10.27
CA THR A 57 22.13 -11.43 -10.25
C THR A 57 20.81 -11.98 -10.74
N GLU A 58 20.82 -13.24 -11.20
CA GLU A 58 19.58 -13.89 -11.65
C GLU A 58 18.55 -14.02 -10.52
N ARG A 59 19.02 -14.18 -9.30
CA ARG A 59 18.10 -14.19 -8.17
C ARG A 59 17.41 -12.84 -8.10
N GLN A 60 18.17 -11.77 -8.30
CA GLN A 60 17.59 -10.43 -8.22
C GLN A 60 16.58 -10.19 -9.35
N ARG A 61 16.90 -10.68 -10.56
CA ARG A 61 15.97 -10.65 -11.68
C ARG A 61 14.66 -11.38 -11.33
N ARG A 62 14.78 -12.52 -10.65
CA ARG A 62 13.58 -13.30 -10.35
C ARG A 62 12.74 -12.57 -9.30
N GLU A 63 13.43 -11.93 -8.36
CA GLU A 63 12.75 -11.18 -7.30
C GLU A 63 12.04 -9.99 -7.94
N PHE A 64 12.76 -9.30 -8.81
CA PHE A 64 12.17 -8.18 -9.53
C PHE A 64 10.88 -8.59 -10.22
N LEU A 65 10.98 -9.62 -11.04
CA LEU A 65 9.83 -10.08 -11.87
C LEU A 65 8.73 -10.74 -11.05
N SER A 66 9.04 -11.26 -9.85
CA SER A 66 7.99 -11.82 -8.98
C SER A 66 6.87 -10.85 -8.66
N GLU A 67 7.19 -9.56 -8.61
CA GLU A 67 6.17 -8.54 -8.36
C GLU A 67 5.17 -8.53 -9.48
N ALA A 68 5.64 -8.70 -10.72
CA ALA A 68 4.73 -8.81 -11.88
C ALA A 68 3.89 -10.09 -11.86
N SER A 69 4.51 -11.22 -11.55
CA SER A 69 3.74 -12.45 -11.45
C SER A 69 2.59 -12.34 -10.46
N ILE A 70 2.86 -11.75 -9.30
CA ILE A 70 1.85 -11.62 -8.24
C ILE A 70 0.80 -10.63 -8.69
N MET A 71 1.20 -9.42 -9.11
CA MET A 71 0.19 -8.45 -9.60
C MET A 71 -0.72 -9.06 -10.66
N GLY A 72 -0.12 -9.88 -11.49
CA GLY A 72 -0.81 -10.50 -12.61
C GLY A 72 -1.89 -11.46 -12.16
N GLN A 73 -1.83 -11.89 -10.91
CA GLN A 73 -2.82 -12.81 -10.36
C GLN A 73 -4.10 -12.08 -9.93
N PHE A 74 -4.04 -10.75 -9.89
CA PHE A 74 -5.12 -9.95 -9.35
C PHE A 74 -5.80 -9.02 -10.41
N GLU A 75 -7.07 -8.75 -10.16
CA GLU A 75 -7.86 -7.82 -10.99
C GLU A 75 -8.90 -7.20 -10.07
N HIS A 76 -8.71 -5.91 -9.76
CA HIS A 76 -9.54 -5.18 -8.81
C HIS A 76 -9.26 -3.69 -8.96
N PRO A 77 -10.31 -2.86 -8.90
CA PRO A 77 -10.07 -1.42 -9.09
C PRO A 77 -9.25 -0.73 -8.06
N ASN A 78 -9.03 -1.36 -6.90
CA ASN A 78 -8.16 -0.83 -5.87
C ASN A 78 -6.82 -1.57 -5.66
N ILE A 79 -6.41 -2.29 -6.72
CA ILE A 79 -5.13 -3.03 -6.78
C ILE A 79 -4.48 -2.62 -8.07
N ILE A 80 -3.21 -2.23 -7.98
CA ILE A 80 -2.50 -1.76 -9.16
C ILE A 80 -2.51 -2.85 -10.24
N ARG A 81 -2.90 -2.45 -11.45
CA ARG A 81 -3.10 -3.34 -12.57
C ARG A 81 -1.82 -3.50 -13.38
N LEU A 82 -1.49 -4.75 -13.64
CA LEU A 82 -0.32 -5.09 -14.47
C LEU A 82 -0.72 -4.99 -15.92
N GLU A 83 0.05 -4.27 -16.74
CA GLU A 83 -0.11 -4.33 -18.19
C GLU A 83 0.73 -5.43 -18.79
N GLY A 84 1.93 -5.62 -18.30
CA GLY A 84 2.82 -6.64 -18.90
C GLY A 84 4.26 -6.49 -18.47
N VAL A 85 5.13 -7.28 -19.11
CA VAL A 85 6.52 -7.28 -18.79
C VAL A 85 7.32 -7.29 -20.06
N VAL A 86 8.55 -6.80 -19.97
CA VAL A 86 9.52 -6.94 -21.04
C VAL A 86 10.65 -7.75 -20.45
N THR A 87 10.81 -8.99 -20.94
CA THR A 87 11.84 -9.90 -20.45
C THR A 87 12.81 -10.38 -21.54
N ASN A 88 12.41 -10.38 -22.80
CA ASN A 88 13.27 -10.85 -23.88
C ASN A 88 14.23 -9.79 -24.43
N SER A 89 14.46 -8.74 -23.64
CA SER A 89 15.28 -7.62 -24.05
C SER A 89 15.82 -6.86 -22.81
N MET A 90 16.81 -6.00 -23.00
CA MET A 90 17.33 -5.12 -21.94
C MET A 90 16.95 -3.67 -22.20
N PRO A 91 16.55 -2.94 -21.14
CA PRO A 91 16.40 -3.44 -19.78
C PRO A 91 15.11 -4.24 -19.59
N VAL A 92 15.09 -5.06 -18.55
CA VAL A 92 13.90 -5.82 -18.16
C VAL A 92 12.91 -4.77 -17.62
N MET A 93 11.62 -4.92 -17.90
CA MET A 93 10.66 -3.88 -17.46
C MET A 93 9.36 -4.51 -16.95
N ILE A 94 8.74 -3.84 -15.98
CA ILE A 94 7.38 -4.15 -15.54
C ILE A 94 6.56 -2.88 -15.82
N LEU A 95 5.43 -3.06 -16.49
CA LEU A 95 4.51 -1.99 -16.86
C LEU A 95 3.21 -2.20 -16.14
N THR A 96 2.73 -1.11 -15.53
CA THR A 96 1.42 -1.07 -14.86
C THR A 96 0.64 0.15 -15.28
N GLU A 97 -0.60 0.20 -14.88
CA GLU A 97 -1.36 1.42 -15.01
C GLU A 97 -0.57 2.54 -14.34
N PHE A 98 -0.83 3.77 -14.78
CA PHE A 98 -0.12 4.94 -14.23
C PHE A 98 -1.00 5.67 -13.20
N MET A 99 -0.44 5.91 -12.03
CA MET A 99 -1.10 6.61 -10.93
C MET A 99 -0.45 7.98 -10.82
N GLU A 100 -1.14 8.97 -11.34
CA GLU A 100 -0.56 10.29 -11.57
C GLU A 100 0.03 10.92 -10.29
N ASN A 101 -0.65 10.71 -9.16
CA ASN A 101 -0.31 11.39 -7.91
C ASN A 101 0.64 10.64 -7.01
N GLY A 102 1.13 9.48 -7.46
CA GLY A 102 2.19 8.85 -6.74
C GLY A 102 1.77 8.28 -5.38
N ALA A 103 2.73 8.20 -4.47
CA ALA A 103 2.51 7.64 -3.15
C ALA A 103 1.61 8.49 -2.28
N LEU A 104 0.70 7.84 -1.59
CA LEU A 104 -0.29 8.59 -0.78
C LEU A 104 0.29 9.43 0.37
N ASP A 105 1.34 8.94 1.06
CA ASP A 105 1.87 9.70 2.19
C ASP A 105 2.46 11.01 1.70
N SER A 106 3.27 10.96 0.63
CA SER A 106 3.87 12.20 0.14
C SER A 106 2.79 13.08 -0.49
N PHE A 107 1.83 12.46 -1.17
CA PHE A 107 0.73 13.25 -1.77
C PHE A 107 -0.05 14.05 -0.72
N LEU A 108 -0.32 13.40 0.42
CA LEU A 108 -1.07 14.06 1.50
C LEU A 108 -0.27 15.15 2.17
N ARG A 109 1.04 14.90 2.35
CA ARG A 109 1.91 15.91 2.96
C ARG A 109 1.94 17.15 2.05
N LEU A 110 1.99 16.96 0.73
CA LEU A 110 1.94 18.07 -0.23
C LEU A 110 0.64 18.87 -0.10
N ASN A 111 -0.43 18.15 0.23
CA ASN A 111 -1.78 18.68 0.25
C ASN A 111 -2.33 18.77 1.68
N ASP A 112 -1.45 19.07 2.60
CA ASP A 112 -1.81 19.06 4.02
C ASP A 112 -3.04 19.93 4.33
N GLY A 113 -4.06 19.34 4.93
CA GLY A 113 -5.29 20.05 5.31
C GLY A 113 -6.19 20.47 4.17
N GLN A 114 -5.92 19.96 2.96
CA GLN A 114 -6.57 20.46 1.72
C GLN A 114 -7.65 19.59 1.15
N PHE A 115 -7.80 18.40 1.75
CA PHE A 115 -8.87 17.50 1.36
C PHE A 115 -9.81 17.33 2.57
N THR A 116 -11.10 17.22 2.31
CA THR A 116 -12.08 17.11 3.37
C THR A 116 -12.07 15.73 4.03
N VAL A 117 -12.68 15.64 5.20
CA VAL A 117 -12.81 14.36 5.86
C VAL A 117 -13.47 13.35 4.95
N ILE A 118 -14.53 13.75 4.22
CA ILE A 118 -15.20 12.78 3.34
C ILE A 118 -14.31 12.27 2.26
N GLN A 119 -13.50 13.15 1.67
CA GLN A 119 -12.49 12.70 0.73
C GLN A 119 -11.50 11.72 1.35
N LEU A 120 -11.00 12.00 2.54
CA LEU A 120 -10.05 11.12 3.18
C LEU A 120 -10.71 9.76 3.47
N VAL A 121 -11.99 9.78 3.85
CA VAL A 121 -12.71 8.51 4.14
C VAL A 121 -12.86 7.73 2.85
N GLY A 122 -13.12 8.43 1.75
CA GLY A 122 -13.16 7.79 0.45
C GLY A 122 -11.86 7.06 0.09
N MET A 123 -10.76 7.72 0.38
CA MET A 123 -9.44 7.14 0.12
C MET A 123 -9.29 5.86 0.96
N LEU A 124 -9.64 6.01 2.24
CA LEU A 124 -9.56 4.88 3.16
C LEU A 124 -10.45 3.70 2.72
N ARG A 125 -11.60 4.01 2.15
CA ARG A 125 -12.51 3.01 1.71
C ARG A 125 -11.93 2.24 0.51
N GLY A 126 -11.30 2.95 -0.42
CA GLY A 126 -10.61 2.33 -1.56
C GLY A 126 -9.52 1.39 -1.11
N ILE A 127 -8.68 1.83 -0.15
CA ILE A 127 -7.66 0.94 0.39
C ILE A 127 -8.27 -0.28 1.04
N ALA A 128 -9.32 -0.08 1.84
CA ALA A 128 -9.96 -1.19 2.53
C ALA A 128 -10.60 -2.16 1.54
N SER A 129 -11.07 -1.67 0.39
CA SER A 129 -11.67 -2.58 -0.58
C SER A 129 -10.57 -3.42 -1.24
N GLY A 130 -9.46 -2.76 -1.53
CA GLY A 130 -8.26 -3.49 -2.08
C GLY A 130 -7.89 -4.59 -1.11
N MET A 131 -7.82 -4.26 0.17
CA MET A 131 -7.45 -5.24 1.20
C MET A 131 -8.50 -6.35 1.38
N ARG A 132 -9.78 -5.98 1.34
CA ARG A 132 -10.85 -6.97 1.32
C ARG A 132 -10.63 -8.02 0.22
N TYR A 133 -10.34 -7.57 -0.99
CA TYR A 133 -10.01 -8.44 -2.11
C TYR A 133 -8.79 -9.32 -1.82
N LEU A 134 -7.70 -8.74 -1.32
CA LEU A 134 -6.47 -9.51 -1.12
C LEU A 134 -6.76 -10.61 -0.10
N ALA A 135 -7.50 -10.27 0.94
CA ALA A 135 -7.75 -11.21 2.02
C ALA A 135 -8.67 -12.33 1.55
N GLU A 136 -9.62 -11.96 0.67
CA GLU A 136 -10.48 -12.95 0.04
C GLU A 136 -9.67 -13.93 -0.84
N MET A 137 -8.61 -13.42 -1.46
CA MET A 137 -7.66 -14.23 -2.27
C MET A 137 -6.57 -14.94 -1.44
N SER A 138 -6.70 -14.87 -0.11
CA SER A 138 -5.70 -15.41 0.83
C SER A 138 -4.30 -14.89 0.58
N TYR A 139 -4.23 -13.61 0.22
CA TYR A 139 -2.96 -12.93 0.06
C TYR A 139 -2.78 -11.97 1.21
N VAL A 140 -1.67 -12.17 1.92
CA VAL A 140 -1.27 -11.33 3.02
C VAL A 140 -0.21 -10.34 2.54
N HIS A 141 -0.49 -9.07 2.72
CA HIS A 141 0.35 -8.07 2.17
C HIS A 141 1.71 -7.91 2.89
N ARG A 142 1.65 -7.79 4.22
CA ARG A 142 2.79 -7.73 5.13
C ARG A 142 3.52 -6.38 5.16
N ASP A 143 3.25 -5.49 4.23
CA ASP A 143 3.89 -4.16 4.24
C ASP A 143 2.88 -3.07 3.88
N LEU A 144 1.69 -3.18 4.47
CA LEU A 144 0.65 -2.19 4.23
C LEU A 144 0.98 -0.90 4.98
N ALA A 145 1.14 0.20 4.24
CA ALA A 145 1.60 1.47 4.75
C ALA A 145 1.16 2.47 3.69
N ALA A 146 0.97 3.74 4.08
CA ALA A 146 0.55 4.77 3.12
C ALA A 146 1.49 4.88 1.94
N ARG A 147 2.82 4.76 2.17
CA ARG A 147 3.80 4.79 1.10
C ARG A 147 3.59 3.75 0.05
N ASN A 148 2.90 2.68 0.37
CA ASN A 148 2.53 1.67 -0.64
C ASN A 148 1.17 1.77 -1.27
N ILE A 149 0.49 2.88 -1.02
CA ILE A 149 -0.77 3.17 -1.64
C ILE A 149 -0.49 4.23 -2.70
N LEU A 150 -0.95 3.98 -3.91
CA LEU A 150 -0.79 4.91 -5.04
C LEU A 150 -2.11 5.56 -5.36
N VAL A 151 -2.04 6.79 -5.86
CA VAL A 151 -3.21 7.66 -5.99
C VAL A 151 -3.31 8.19 -7.43
N ASN A 152 -4.48 7.99 -8.06
CA ASN A 152 -4.64 8.45 -9.47
C ASN A 152 -5.17 9.87 -9.52
N SER A 153 -5.43 10.40 -10.73
CA SER A 153 -5.87 11.79 -10.87
CA SER A 153 -5.88 11.79 -10.86
C SER A 153 -7.23 12.06 -10.24
N ASN A 154 -8.08 11.02 -10.11
CA ASN A 154 -9.41 11.10 -9.51
C ASN A 154 -9.42 10.78 -8.01
N LEU A 155 -8.20 10.72 -7.43
CA LEU A 155 -7.95 10.40 -6.01
C LEU A 155 -8.31 8.97 -5.60
N VAL A 156 -8.45 8.11 -6.58
CA VAL A 156 -8.66 6.70 -6.33
C VAL A 156 -7.34 6.11 -5.82
N CYS A 157 -7.42 5.43 -4.67
CA CYS A 157 -6.30 4.81 -4.00
C CYS A 157 -6.18 3.33 -4.35
N LYS A 158 -4.97 2.86 -4.65
CA LYS A 158 -4.75 1.46 -5.02
C LYS A 158 -3.52 0.88 -4.30
N VAL A 159 -3.64 -0.36 -3.86
CA VAL A 159 -2.60 -1.04 -3.16
C VAL A 159 -1.50 -1.46 -4.16
N SER A 160 -0.27 -1.23 -3.73
CA SER A 160 0.90 -1.67 -4.44
C SER A 160 1.89 -2.39 -3.51
N ASP A 161 2.99 -2.85 -4.09
CA ASP A 161 4.11 -3.52 -3.43
C ASP A 161 3.75 -5.00 -3.19
N PHE A 162 4.07 -5.83 -4.17
CA PHE A 162 3.76 -7.26 -4.11
C PHE A 162 5.03 -8.09 -4.22
N GLY A 163 5.11 -9.08 -3.35
CA GLY A 163 6.27 -9.90 -3.22
C GLY A 163 6.02 -10.89 -2.10
N LEU A 164 6.57 -12.08 -2.25
CA LEU A 164 6.34 -13.18 -1.30
C LEU A 164 7.62 -13.59 -0.57
N SER A 165 8.69 -12.80 -0.65
CA SER A 165 9.93 -13.19 0.00
C SER A 165 9.75 -12.97 1.48
N ARG A 166 10.28 -13.90 2.26
CA ARG A 166 10.32 -13.75 3.69
C ARG A 166 11.09 -12.47 4.02
N PHE A 167 10.73 -11.84 5.14
CA PHE A 167 11.57 -10.77 5.69
C PHE A 167 12.89 -11.35 6.20
N LEU A 168 13.89 -10.50 6.31
CA LEU A 168 15.24 -10.91 6.75
C LEU A 168 15.22 -11.62 8.12
N GLU A 169 14.32 -11.23 9.01
CA GLU A 169 14.20 -11.87 10.32
C GLU A 169 13.66 -13.32 10.23
N GLU A 170 12.98 -13.64 9.13
CA GLU A 170 12.41 -14.99 8.96
C GLU A 170 13.47 -15.99 8.50
N ASN A 171 14.35 -15.56 7.61
CA ASN A 171 15.27 -16.46 6.91
C ASN A 171 16.52 -16.75 7.72
N SER A 172 17.60 -17.16 7.04
CA SER A 172 18.77 -17.66 7.73
C SER A 172 19.20 -16.71 8.83
N SER A 173 19.49 -17.32 9.97
CA SER A 173 20.36 -16.78 11.02
C SER A 173 21.40 -15.77 10.54
N ASP A 174 22.10 -16.09 9.44
CA ASP A 174 23.17 -15.22 8.93
C ASP A 174 22.72 -14.51 7.66
N GLY A 182 13.16 -10.06 1.38
CA GLY A 182 12.06 -9.10 1.39
C GLY A 182 12.32 -7.85 2.22
N GLY A 183 13.56 -7.68 2.71
CA GLY A 183 13.92 -6.57 3.64
C GLY A 183 13.58 -6.86 5.08
N LYS A 184 13.68 -5.84 5.95
CA LYS A 184 13.45 -5.99 7.40
C LYS A 184 11.96 -5.80 7.70
N ILE A 185 11.49 -6.35 8.82
CA ILE A 185 10.07 -6.24 9.18
C ILE A 185 9.80 -4.75 9.42
N PRO A 186 8.73 -4.20 8.79
CA PRO A 186 8.43 -2.79 9.00
C PRO A 186 7.78 -2.57 10.34
N ILE A 187 8.61 -2.43 11.36
CA ILE A 187 8.11 -2.50 12.73
C ILE A 187 6.91 -1.59 13.01
N ARG A 188 6.96 -0.33 12.58
CA ARG A 188 5.91 0.62 12.99
C ARG A 188 4.53 0.32 12.38
N TRP A 189 4.49 -0.46 11.31
CA TRP A 189 3.25 -0.88 10.69
C TRP A 189 2.78 -2.27 11.11
N THR A 190 3.60 -3.00 11.88
CA THR A 190 3.38 -4.44 11.98
C THR A 190 2.71 -4.79 13.30
N ALA A 191 1.81 -5.78 13.27
CA ALA A 191 1.04 -6.17 14.44
C ALA A 191 1.99 -6.84 15.45
N PRO A 192 1.70 -6.70 16.74
CA PRO A 192 2.68 -7.21 17.73
C PRO A 192 2.94 -8.72 17.63
N GLU A 193 1.93 -9.51 17.33
CA GLU A 193 2.16 -10.97 17.16
C GLU A 193 2.97 -11.30 15.91
N ALA A 194 2.88 -10.46 14.89
CA ALA A 194 3.65 -10.67 13.68
C ALA A 194 5.12 -10.32 13.94
N ILE A 195 5.36 -9.26 14.71
CA ILE A 195 6.75 -8.97 15.10
C ILE A 195 7.37 -10.12 15.95
N ALA A 196 6.63 -10.49 16.98
CA ALA A 196 7.08 -11.47 17.95
C ALA A 196 7.29 -12.87 17.36
N PHE A 197 6.33 -13.31 16.57
CA PHE A 197 6.30 -14.73 16.12
C PHE A 197 6.45 -14.89 14.59
N ARG A 198 6.52 -13.78 13.88
CA ARG A 198 6.40 -13.80 12.41
C ARG A 198 5.12 -14.44 11.91
N LYS A 199 4.06 -14.40 12.68
CA LYS A 199 2.83 -14.89 12.12
C LYS A 199 2.16 -13.72 11.39
N PHE A 200 2.26 -13.73 10.05
CA PHE A 200 1.58 -12.72 9.23
C PHE A 200 0.31 -13.28 8.65
N THR A 201 -0.77 -12.58 8.92
CA THR A 201 -2.12 -13.02 8.54
C THR A 201 -2.91 -11.80 8.03
N SER A 202 -4.13 -12.02 7.55
CA SER A 202 -4.96 -10.87 7.14
C SER A 202 -5.28 -10.03 8.39
N ALA A 203 -5.34 -10.66 9.58
CA ALA A 203 -5.56 -9.92 10.80
C ALA A 203 -4.39 -9.05 11.20
N SER A 204 -3.16 -9.46 10.89
CA SER A 204 -2.03 -8.54 11.10
C SER A 204 -2.07 -7.41 10.05
N ASP A 205 -2.53 -7.71 8.83
CA ASP A 205 -2.78 -6.61 7.86
C ASP A 205 -3.80 -5.61 8.38
N ALA A 206 -4.83 -6.06 9.10
CA ALA A 206 -5.87 -5.17 9.66
C ALA A 206 -5.22 -4.15 10.64
N TRP A 207 -4.27 -4.64 11.45
CA TRP A 207 -3.47 -3.80 12.33
C TRP A 207 -2.81 -2.75 11.47
N SER A 208 -2.08 -3.20 10.45
CA SER A 208 -1.36 -2.25 9.57
C SER A 208 -2.32 -1.22 8.93
N TYR A 209 -3.48 -1.67 8.53
CA TYR A 209 -4.48 -0.79 7.97
C TYR A 209 -4.90 0.33 8.93
N GLY A 210 -5.00 0.02 10.24
CA GLY A 210 -5.26 1.03 11.28
C GLY A 210 -4.15 2.09 11.27
N ILE A 211 -2.91 1.63 11.09
CA ILE A 211 -1.78 2.58 11.00
C ILE A 211 -1.97 3.44 9.73
N VAL A 212 -2.33 2.84 8.61
CA VAL A 212 -2.60 3.60 7.37
C VAL A 212 -3.70 4.63 7.63
N MET A 213 -4.79 4.25 8.30
CA MET A 213 -5.82 5.22 8.68
C MET A 213 -5.22 6.45 9.36
N TRP A 214 -4.37 6.22 10.36
CA TRP A 214 -3.76 7.25 11.15
C TRP A 214 -2.90 8.11 10.25
N GLU A 215 -2.14 7.46 9.34
CA GLU A 215 -1.31 8.22 8.37
C GLU A 215 -2.15 9.15 7.51
N VAL A 216 -3.29 8.65 7.05
CA VAL A 216 -4.14 9.41 6.17
C VAL A 216 -4.76 10.59 6.92
N MET A 217 -5.36 10.31 8.09
CA MET A 217 -6.00 11.36 8.85
C MET A 217 -5.03 12.42 9.42
N SER A 218 -3.73 12.10 9.43
CA SER A 218 -2.70 13.02 9.84
C SER A 218 -1.99 13.67 8.66
N PHE A 219 -2.51 13.45 7.46
CA PHE A 219 -1.93 13.99 6.23
C PHE A 219 -0.42 13.59 6.09
N GLY A 220 -0.14 12.33 6.34
CA GLY A 220 1.20 11.78 6.14
C GLY A 220 2.24 11.96 7.21
N GLU A 221 1.84 12.17 8.47
CA GLU A 221 2.83 12.19 9.54
C GLU A 221 3.42 10.79 9.71
N ARG A 222 4.62 10.72 10.29
CA ARG A 222 5.27 9.43 10.58
C ARG A 222 4.64 8.77 11.80
N PRO A 223 4.15 7.51 11.64
CA PRO A 223 3.61 6.82 12.82
C PRO A 223 4.65 6.78 13.94
N TYR A 224 4.23 7.13 15.15
CA TYR A 224 5.06 7.14 16.36
C TYR A 224 6.20 8.19 16.36
N TRP A 225 6.11 9.17 15.47
CA TRP A 225 7.07 10.29 15.43
C TRP A 225 8.52 9.77 15.55
N ASP A 226 9.28 10.23 16.55
CA ASP A 226 10.69 9.91 16.63
C ASP A 226 11.00 8.71 17.54
N MET A 227 9.96 7.98 17.97
CA MET A 227 10.17 6.80 18.78
C MET A 227 11.02 5.79 18.03
N SER A 228 11.88 5.07 18.75
CA SER A 228 12.70 4.04 18.12
C SER A 228 11.80 2.82 17.84
N ASN A 229 12.23 1.93 16.93
CA ASN A 229 11.48 0.68 16.72
C ASN A 229 11.29 -0.06 18.02
N GLN A 230 12.33 -0.17 18.85
CA GLN A 230 12.17 -0.88 20.12
C GLN A 230 11.20 -0.18 21.08
N ASP A 231 11.22 1.16 21.13
CA ASP A 231 10.29 1.98 21.93
C ASP A 231 8.82 1.71 21.52
N VAL A 232 8.59 1.61 20.21
CA VAL A 232 7.27 1.32 19.64
C VAL A 232 6.82 -0.05 20.10
N ILE A 233 7.70 -1.04 19.98
CA ILE A 233 7.35 -2.40 20.38
C ILE A 233 6.98 -2.47 21.85
N ASN A 234 7.78 -1.83 22.69
CA ASN A 234 7.55 -1.81 24.13
C ASN A 234 6.26 -1.04 24.50
N ALA A 235 6.05 0.11 23.84
CA ALA A 235 4.87 0.95 24.07
C ALA A 235 3.60 0.18 23.77
N ILE A 236 3.53 -0.46 22.60
CA ILE A 236 2.35 -1.26 22.21
C ILE A 236 2.07 -2.37 23.22
N GLU A 237 3.13 -3.08 23.63
CA GLU A 237 3.00 -4.14 24.65
C GLU A 237 2.47 -3.58 25.98
N GLN A 238 2.81 -2.31 26.25
CA GLN A 238 2.36 -1.62 27.46
C GLN A 238 1.15 -0.72 27.18
N ASP A 239 0.34 -1.13 26.19
CA ASP A 239 -1.01 -0.59 25.99
C ASP A 239 -1.15 0.79 25.34
N TYR A 240 -0.02 1.38 24.95
CA TYR A 240 -0.02 2.65 24.26
C TYR A 240 -0.64 2.44 22.89
N ARG A 241 -1.44 3.40 22.44
CA ARG A 241 -1.94 3.42 21.05
C ARG A 241 -1.86 4.87 20.57
N LEU A 242 -1.58 5.07 19.28
CA LEU A 242 -1.55 6.40 18.68
C LEU A 242 -2.85 7.19 18.95
N PRO A 243 -2.72 8.48 19.29
CA PRO A 243 -3.85 9.31 19.61
C PRO A 243 -4.56 9.78 18.34
N PRO A 244 -5.78 10.29 18.48
CA PRO A 244 -6.43 10.74 17.25
C PRO A 244 -5.63 11.92 16.67
N PRO A 245 -5.41 11.92 15.36
CA PRO A 245 -4.77 13.08 14.81
C PRO A 245 -5.64 14.32 14.94
N PRO A 246 -5.03 15.50 14.74
CA PRO A 246 -5.80 16.73 14.83
C PRO A 246 -7.04 16.67 13.93
N ASP A 247 -8.19 17.08 14.47
CA ASP A 247 -9.45 17.16 13.73
C ASP A 247 -10.04 15.80 13.30
N CYS A 248 -9.45 14.70 13.74
CA CYS A 248 -9.92 13.39 13.34
C CYS A 248 -11.28 13.03 13.99
N PRO A 249 -12.29 12.69 13.19
CA PRO A 249 -13.55 12.20 13.77
C PRO A 249 -13.30 11.05 14.76
N THR A 250 -13.94 11.14 15.90
CA THR A 250 -13.79 10.09 16.89
C THR A 250 -14.16 8.70 16.36
N SER A 251 -15.19 8.62 15.52
CA SER A 251 -15.54 7.31 14.93
C SER A 251 -14.39 6.67 14.11
N LEU A 252 -13.58 7.46 13.41
CA LEU A 252 -12.42 6.93 12.68
C LEU A 252 -11.31 6.48 13.63
N HIS A 253 -11.05 7.31 14.64
CA HIS A 253 -10.08 6.92 15.66
C HIS A 253 -10.52 5.63 16.35
N GLN A 254 -11.82 5.49 16.64
CA GLN A 254 -12.26 4.23 17.26
C GLN A 254 -12.02 3.03 16.35
N LEU A 255 -12.29 3.20 15.05
CA LEU A 255 -11.99 2.12 14.10
C LEU A 255 -10.50 1.78 14.11
N MET A 256 -9.65 2.78 14.18
CA MET A 256 -8.20 2.55 14.37
C MET A 256 -7.94 1.68 15.61
N LEU A 257 -8.53 2.06 16.75
CA LEU A 257 -8.34 1.29 18.00
C LEU A 257 -8.77 -0.16 17.86
N ASP A 258 -9.84 -0.37 17.12
CA ASP A 258 -10.40 -1.71 16.86
C ASP A 258 -9.37 -2.50 16.07
N CYS A 259 -8.80 -1.86 15.04
CA CYS A 259 -7.75 -2.48 14.24
C CYS A 259 -6.53 -2.86 15.11
N TRP A 260 -6.30 -2.06 16.14
CA TRP A 260 -5.14 -2.24 17.02
C TRP A 260 -5.40 -3.05 18.31
N GLN A 261 -6.43 -3.88 18.30
CA GLN A 261 -6.63 -4.78 19.44
C GLN A 261 -5.44 -5.76 19.53
N LYS A 262 -4.99 -6.02 20.75
CA LYS A 262 -3.90 -6.97 20.92
C LYS A 262 -4.30 -8.37 20.44
N ASP A 263 -5.53 -8.78 20.74
CA ASP A 263 -6.04 -10.07 20.27
C ASP A 263 -6.43 -9.96 18.79
N ARG A 264 -5.66 -10.63 17.93
CA ARG A 264 -5.88 -10.50 16.48
C ARG A 264 -7.30 -10.91 16.08
N ASN A 265 -7.87 -11.86 16.82
CA ASN A 265 -9.22 -12.34 16.53
C ASN A 265 -10.32 -11.33 16.83
N ALA A 266 -9.99 -10.32 17.62
CA ALA A 266 -10.96 -9.26 17.93
C ALA A 266 -10.95 -8.10 16.95
N ARG A 267 -9.96 -8.04 16.09
CA ARG A 267 -9.86 -6.97 15.10
C ARG A 267 -10.94 -7.18 14.03
N PRO A 268 -11.43 -6.09 13.43
CA PRO A 268 -12.39 -6.25 12.35
C PRO A 268 -11.69 -6.88 11.16
N ARG A 269 -12.40 -7.72 10.44
CA ARG A 269 -11.91 -8.25 9.16
C ARG A 269 -12.22 -7.18 8.10
N PHE A 270 -11.62 -7.29 6.93
CA PHE A 270 -11.76 -6.19 5.95
C PHE A 270 -13.19 -5.94 5.43
N PRO A 271 -14.02 -6.98 5.29
CA PRO A 271 -15.42 -6.67 4.91
C PRO A 271 -16.11 -5.72 5.91
N GLN A 272 -15.83 -5.93 7.18
CA GLN A 272 -16.42 -5.15 8.25
C GLN A 272 -15.84 -3.73 8.22
N VAL A 273 -14.55 -3.62 7.93
CA VAL A 273 -13.93 -2.29 7.76
C VAL A 273 -14.60 -1.50 6.65
N VAL A 274 -14.77 -2.12 5.47
CA VAL A 274 -15.39 -1.44 4.35
C VAL A 274 -16.81 -1.00 4.77
N SER A 275 -17.55 -1.90 5.42
CA SER A 275 -18.91 -1.61 5.85
C SER A 275 -18.98 -0.39 6.76
N ALA A 276 -18.04 -0.31 7.70
CA ALA A 276 -17.97 0.77 8.67
C ALA A 276 -17.73 2.08 7.95
N LEU A 277 -16.78 2.07 7.00
CA LEU A 277 -16.47 3.28 6.23
C LEU A 277 -17.62 3.68 5.31
N ASP A 278 -18.28 2.69 4.70
CA ASP A 278 -19.46 2.97 3.86
C ASP A 278 -20.58 3.67 4.67
N LYS A 279 -20.79 3.22 5.91
CA LYS A 279 -21.79 3.84 6.80
C LYS A 279 -21.42 5.28 7.10
N MET A 280 -20.15 5.51 7.42
CA MET A 280 -19.69 6.89 7.65
C MET A 280 -20.00 7.80 6.46
N ILE A 281 -19.70 7.35 5.25
CA ILE A 281 -19.93 8.12 4.05
C ILE A 281 -21.41 8.41 3.89
N ARG A 282 -22.25 7.42 4.15
CA ARG A 282 -23.72 7.61 4.07
C ARG A 282 -24.27 8.47 5.22
N ASN A 283 -23.52 8.57 6.31
CA ASN A 283 -23.97 9.28 7.49
C ASN A 283 -22.91 10.28 7.88
N PRO A 284 -22.63 11.26 7.00
CA PRO A 284 -21.48 12.13 7.29
C PRO A 284 -21.62 13.01 8.54
N ALA A 285 -22.85 13.34 8.96
CA ALA A 285 -23.03 14.01 10.23
C ALA A 285 -22.21 13.37 11.36
N SER A 286 -22.16 12.04 11.38
CA SER A 286 -21.45 11.30 12.43
C SER A 286 -19.96 11.67 12.57
N LEU A 287 -19.37 12.10 11.44
CA LEU A 287 -17.96 12.44 11.42
C LEU A 287 -17.65 13.83 12.04
N LYS A 288 -18.70 14.59 12.37
CA LYS A 288 -18.54 15.89 13.05
C LYS A 288 -17.99 15.79 14.48
N ILE A 289 -18.21 14.67 15.16
CA ILE A 289 -17.74 14.49 16.53
C ILE A 289 -16.23 14.24 16.51
N VAL A 290 -15.50 15.17 17.10
CA VAL A 290 -14.03 15.18 17.18
C VAL A 290 -13.69 15.39 18.67
N ALA A 291 -12.53 14.93 19.12
CA ALA A 291 -12.11 15.14 20.52
C ALA A 291 -11.74 16.60 20.81
#